data_6IJK
#
_entry.id   6IJK
#
_cell.length_a   132.941
_cell.length_b   132.941
_cell.length_c   44.164
_cell.angle_alpha   90.000
_cell.angle_beta   90.000
_cell.angle_gamma   120.000
#
_symmetry.space_group_name_H-M   'P 3'
#
loop_
_entity.id
_entity.type
_entity.pdbx_description
1 polymer 'Enoyl-CoA hydratase'
2 water water
#
_entity_poly.entity_id   1
_entity_poly.type   'polypeptide(L)'
_entity_poly.pdbx_seq_one_letter_code
;MTQATPSFETLRYAVADGVATITLHRPDQLNAFTAQMMHELIAAFDATDADDNVRAVIVTGSGRAFCAGADLSGGSSTFD
FEKRYGASPDSAHRDGGGRVSLRIFRSLKPVIAAVNGAAVGVGVTMQLPMDIRLASTDAKFGFVFARRGITPEAASSWFL
SRVVGISTALEWCYTGRVFSAQEAHERGLVRSLHAPEDLLPAAQAIAREIAANAAPVSVAISRQLIWRMAGASHPMEAHK
LDSRAIQSRGRSADVKEGVSAFLEKRPAAFPETVSHDMPDFFDWTSEPPFILEHHHHHH
;
_entity_poly.pdbx_strand_id   A,B
#
# COMPACT_ATOMS: atom_id res chain seq x y z
N SER A 7 -3.48 13.13 -2.73
CA SER A 7 -3.94 11.91 -1.95
C SER A 7 -3.33 10.62 -2.52
N PHE A 8 -2.63 9.86 -1.68
CA PHE A 8 -1.79 8.69 -2.05
C PHE A 8 -2.04 7.57 -1.05
N GLU A 9 -1.78 6.31 -1.41
CA GLU A 9 -1.84 5.14 -0.48
C GLU A 9 -0.44 4.83 0.07
N THR A 10 0.64 5.09 -0.66
CA THR A 10 2.02 4.65 -0.31
C THR A 10 2.89 5.81 0.15
N LEU A 11 2.36 7.02 0.16
CA LEU A 11 3.09 8.27 0.52
C LEU A 11 2.22 9.18 1.38
N ARG A 12 2.85 10.01 2.17
CA ARG A 12 2.22 11.26 2.65
C ARG A 12 2.87 12.40 1.85
N TYR A 13 2.13 13.47 1.64
CA TYR A 13 2.48 14.66 0.83
C TYR A 13 1.92 15.86 1.58
N ALA A 14 2.78 16.80 1.98
CA ALA A 14 2.42 18.04 2.70
C ALA A 14 3.24 19.19 2.12
N VAL A 15 2.62 20.34 1.92
CA VAL A 15 3.29 21.61 1.53
C VAL A 15 3.11 22.68 2.62
N ALA A 16 4.22 23.13 3.20
CA ALA A 16 4.28 24.20 4.23
C ALA A 16 5.51 25.08 3.94
N ASP A 17 5.31 26.39 3.94
CA ASP A 17 6.42 27.37 3.97
C ASP A 17 7.27 27.22 2.71
N GLY A 18 6.67 26.81 1.58
CA GLY A 18 7.35 26.73 0.29
C GLY A 18 8.09 25.40 0.09
N VAL A 19 7.90 24.46 1.03
CA VAL A 19 8.63 23.15 1.08
C VAL A 19 7.62 22.01 0.98
N ALA A 20 7.76 21.15 -0.04
CA ALA A 20 7.00 19.87 -0.14
C ALA A 20 7.75 18.77 0.58
N THR A 21 7.06 17.95 1.39
CA THR A 21 7.67 16.76 2.01
C THR A 21 6.91 15.58 1.46
N ILE A 22 7.63 14.74 0.76
CA ILE A 22 7.10 13.44 0.31
C ILE A 22 7.62 12.41 1.29
N THR A 23 6.69 11.72 1.95
CA THR A 23 7.05 10.69 2.97
C THR A 23 6.68 9.32 2.42
N LEU A 24 7.70 8.48 2.17
CA LEU A 24 7.51 7.05 1.81
C LEU A 24 6.76 6.41 2.99
N HIS A 25 5.61 5.75 2.75
CA HIS A 25 4.61 5.52 3.82
C HIS A 25 3.93 4.17 3.68
N ARG A 26 4.74 3.12 3.75
CA ARG A 26 4.36 1.71 4.03
C ARG A 26 5.21 1.23 5.18
N PRO A 27 5.13 1.85 6.34
CA PRO A 27 6.15 1.63 7.38
C PRO A 27 6.17 0.24 8.02
N ASP A 28 5.01 -0.43 8.11
CA ASP A 28 4.89 -1.85 8.56
C ASP A 28 5.74 -2.74 7.66
N GLN A 29 5.98 -2.32 6.41
CA GLN A 29 6.85 -3.03 5.44
C GLN A 29 8.21 -2.30 5.28
N LEU A 30 8.66 -1.48 6.25
CA LEU A 30 9.90 -0.66 6.10
C LEU A 30 9.91 0.05 4.74
N ASN A 31 8.73 0.56 4.36
CA ASN A 31 8.43 1.39 3.18
C ASN A 31 8.88 0.70 1.89
N ALA A 32 8.83 -0.63 1.85
CA ALA A 32 9.19 -1.40 0.65
C ALA A 32 8.51 -0.79 -0.60
N PHE A 33 9.29 -0.77 -1.67
CA PHE A 33 8.90 -0.11 -2.94
C PHE A 33 7.97 -1.06 -3.67
N THR A 34 6.85 -0.57 -4.18
CA THR A 34 5.88 -1.43 -4.93
C THR A 34 5.53 -0.71 -6.22
N ALA A 35 4.78 -1.39 -7.08
CA ALA A 35 4.32 -0.79 -8.36
C ALA A 35 3.60 0.52 -8.06
N GLN A 36 2.76 0.55 -7.03
CA GLN A 36 1.94 1.76 -6.75
C GLN A 36 2.85 2.85 -6.18
N MET A 37 3.83 2.54 -5.33
CA MET A 37 4.73 3.63 -4.83
C MET A 37 5.40 4.29 -6.06
N MET A 38 5.68 3.50 -7.08
CA MET A 38 6.38 3.98 -8.29
C MET A 38 5.46 4.98 -8.98
N HIS A 39 4.26 4.56 -9.33
CA HIS A 39 3.29 5.47 -10.01
C HIS A 39 3.07 6.67 -9.10
N GLU A 40 2.98 6.45 -7.79
CA GLU A 40 2.61 7.58 -6.89
C GLU A 40 3.73 8.63 -6.82
N LEU A 41 4.98 8.19 -6.73
CA LEU A 41 6.19 9.07 -6.71
C LEU A 41 6.31 9.87 -8.01
N ILE A 42 6.00 9.25 -9.15
CA ILE A 42 5.91 9.99 -10.43
C ILE A 42 4.83 11.10 -10.32
N ALA A 43 3.62 10.75 -9.86
CA ALA A 43 2.55 11.73 -9.61
C ALA A 43 3.00 12.76 -8.55
N ALA A 44 3.76 12.39 -7.51
CA ALA A 44 4.19 13.38 -6.49
C ALA A 44 5.08 14.47 -7.13
N PHE A 45 6.00 14.07 -8.02
CA PHE A 45 6.92 14.98 -8.73
C PHE A 45 6.16 15.79 -9.78
N ASP A 46 5.16 15.21 -10.44
CA ASP A 46 4.29 16.00 -11.34
C ASP A 46 3.66 17.13 -10.50
N ALA A 47 3.17 16.82 -9.30
CA ALA A 47 2.53 17.82 -8.41
C ALA A 47 3.56 18.86 -7.94
N THR A 48 4.75 18.45 -7.52
CA THR A 48 5.78 19.39 -7.03
C THR A 48 6.27 20.29 -8.19
N ASP A 49 6.48 19.73 -9.37
CA ASP A 49 6.88 20.51 -10.58
C ASP A 49 5.82 21.59 -10.93
N ALA A 50 4.52 21.31 -10.72
CA ALA A 50 3.40 22.19 -11.17
C ALA A 50 3.02 23.19 -10.06
N ASP A 51 3.34 22.92 -8.81
CA ASP A 51 2.91 23.77 -7.65
C ASP A 51 3.96 24.85 -7.43
N ASP A 52 3.69 26.08 -7.87
CA ASP A 52 4.56 27.26 -7.67
C ASP A 52 4.75 27.56 -6.19
N ASN A 53 3.89 27.07 -5.30
CA ASN A 53 4.09 27.22 -3.82
C ASN A 53 5.21 26.28 -3.37
N VAL A 54 5.59 25.30 -4.19
CA VAL A 54 6.71 24.37 -3.84
C VAL A 54 8.00 24.96 -4.43
N ARG A 55 8.97 25.27 -3.57
CA ARG A 55 10.27 25.81 -4.01
C ARG A 55 11.38 24.81 -3.68
N ALA A 56 11.08 23.78 -2.89
CA ALA A 56 12.01 22.66 -2.56
C ALA A 56 11.21 21.45 -2.09
N VAL A 57 11.77 20.26 -2.28
CA VAL A 57 11.15 18.96 -1.96
C VAL A 57 12.12 18.20 -1.07
N ILE A 58 11.60 17.67 0.01
CA ILE A 58 12.27 16.73 0.93
C ILE A 58 11.61 15.38 0.74
N VAL A 59 12.40 14.34 0.54
CA VAL A 59 11.91 12.93 0.57
C VAL A 59 12.43 12.24 1.80
N THR A 60 11.50 11.61 2.55
CA THR A 60 11.81 10.91 3.80
C THR A 60 10.93 9.68 3.96
N GLY A 61 11.33 8.84 4.91
CA GLY A 61 10.65 7.60 5.27
C GLY A 61 9.83 7.75 6.53
N SER A 62 8.69 7.08 6.55
CA SER A 62 7.88 6.88 7.78
C SER A 62 8.50 5.77 8.61
N GLY A 63 8.32 5.82 9.91
CA GLY A 63 8.67 4.70 10.80
C GLY A 63 10.18 4.61 10.87
N ARG A 64 10.70 3.40 11.04
CA ARG A 64 12.13 3.06 11.34
C ARG A 64 12.99 3.24 10.08
N ALA A 65 12.51 2.85 8.90
CA ALA A 65 13.34 2.78 7.68
C ALA A 65 13.05 3.94 6.73
N PHE A 66 14.01 4.21 5.83
CA PHE A 66 13.78 5.10 4.67
C PHE A 66 13.02 4.21 3.70
N CYS A 67 13.69 3.15 3.26
CA CYS A 67 13.10 2.16 2.34
C CYS A 67 14.05 0.99 2.29
N ALA A 68 13.57 -0.20 2.68
CA ALA A 68 14.41 -1.40 2.88
C ALA A 68 14.51 -2.23 1.59
N GLY A 69 13.91 -1.77 0.50
CA GLY A 69 14.01 -2.53 -0.77
C GLY A 69 12.67 -2.68 -1.47
N ALA A 70 12.71 -3.38 -2.61
CA ALA A 70 11.56 -3.71 -3.48
C ALA A 70 10.74 -4.81 -2.79
N ASP A 71 9.40 -4.67 -2.76
CA ASP A 71 8.44 -5.72 -2.29
C ASP A 71 8.67 -6.96 -3.15
N LEU A 72 8.82 -8.12 -2.51
CA LEU A 72 9.23 -9.42 -3.14
C LEU A 72 10.61 -9.23 -3.80
N SER A 91 5.68 -2.65 -24.00
CA SER A 91 6.90 -1.95 -24.48
C SER A 91 7.35 -0.85 -23.49
N ALA A 92 6.73 -0.81 -22.31
CA ALA A 92 7.35 -0.44 -21.03
C ALA A 92 7.60 -1.74 -20.24
N HIS A 93 8.69 -2.44 -20.60
CA HIS A 93 9.47 -3.47 -19.82
C HIS A 93 10.51 -2.77 -18.91
N ARG A 94 10.17 -1.58 -18.43
CA ARG A 94 11.09 -0.62 -17.77
C ARG A 94 11.18 -0.96 -16.28
N ASP A 95 12.39 -0.93 -15.74
CA ASP A 95 12.61 -1.14 -14.29
C ASP A 95 11.80 -0.05 -13.60
N GLY A 96 11.03 -0.40 -12.58
CA GLY A 96 10.25 0.61 -11.83
C GLY A 96 11.12 1.67 -11.18
N GLY A 97 12.22 1.27 -10.52
CA GLY A 97 13.19 2.18 -9.89
C GLY A 97 13.65 3.27 -10.87
N GLY A 98 14.02 2.85 -12.08
CA GLY A 98 14.47 3.73 -13.16
C GLY A 98 13.47 4.75 -13.54
N ARG A 99 12.18 4.34 -13.59
CA ARG A 99 11.08 5.26 -13.98
C ARG A 99 11.05 6.44 -12.98
N VAL A 100 11.24 6.12 -11.71
CA VAL A 100 11.28 7.17 -10.64
C VAL A 100 12.54 8.03 -10.83
N SER A 101 13.70 7.38 -10.88
CA SER A 101 15.04 7.97 -11.11
C SER A 101 14.96 8.93 -12.32
N LEU A 102 14.42 8.48 -13.45
CA LEU A 102 14.37 9.32 -14.67
C LEU A 102 13.41 10.48 -14.47
N ARG A 103 12.27 10.25 -13.78
CA ARG A 103 11.34 11.35 -13.43
C ARG A 103 12.05 12.39 -12.55
N ILE A 104 12.77 11.95 -11.55
CA ILE A 104 13.43 12.95 -10.66
C ILE A 104 14.48 13.74 -11.48
N PHE A 105 15.22 13.07 -12.35
CA PHE A 105 16.29 13.66 -13.18
C PHE A 105 15.76 14.88 -13.94
N ARG A 106 14.53 14.81 -14.45
CA ARG A 106 13.89 15.90 -15.22
C ARG A 106 12.95 16.75 -14.33
N SER A 107 13.01 16.59 -13.01
CA SER A 107 12.42 17.41 -11.91
C SER A 107 12.96 18.85 -12.03
N LEU A 108 12.20 19.86 -11.62
CA LEU A 108 12.53 21.30 -11.79
C LEU A 108 12.77 21.94 -10.42
N LYS A 109 12.56 21.21 -9.32
CA LYS A 109 12.72 21.79 -7.95
C LYS A 109 13.90 21.09 -7.26
N PRO A 110 14.63 21.77 -6.36
CA PRO A 110 15.56 21.10 -5.46
C PRO A 110 14.90 19.92 -4.74
N VAL A 111 15.58 18.77 -4.71
CA VAL A 111 15.13 17.51 -4.04
C VAL A 111 16.20 17.13 -3.02
N ILE A 112 15.84 17.05 -1.74
CA ILE A 112 16.76 16.66 -0.64
C ILE A 112 16.22 15.34 -0.08
N ALA A 113 17.03 14.30 0.01
CA ALA A 113 16.66 13.08 0.76
C ALA A 113 17.05 13.27 2.24
N ALA A 114 16.10 13.01 3.14
CA ALA A 114 16.36 12.91 4.60
C ALA A 114 16.23 11.44 4.95
N VAL A 115 17.35 10.76 4.97
CA VAL A 115 17.45 9.28 5.13
C VAL A 115 17.44 8.98 6.63
N ASN A 116 16.31 8.50 7.15
CA ASN A 116 16.00 8.39 8.60
C ASN A 116 16.38 7.00 9.11
N GLY A 117 16.62 6.05 8.24
CA GLY A 117 16.75 4.64 8.62
C GLY A 117 17.27 3.87 7.44
N ALA A 118 17.12 2.56 7.44
CA ALA A 118 17.68 1.63 6.44
C ALA A 118 17.23 2.08 5.06
N ALA A 119 18.18 2.17 4.13
CA ALA A 119 17.96 2.47 2.70
C ALA A 119 18.70 1.38 1.93
N VAL A 120 17.98 0.32 1.60
CA VAL A 120 18.57 -0.93 1.06
C VAL A 120 17.99 -1.15 -0.34
N GLY A 121 18.84 -1.63 -1.25
CA GLY A 121 18.43 -1.91 -2.63
C GLY A 121 17.92 -0.67 -3.32
N VAL A 122 16.73 -0.71 -3.90
CA VAL A 122 16.14 0.47 -4.59
C VAL A 122 15.98 1.57 -3.55
N GLY A 123 16.00 1.26 -2.27
CA GLY A 123 15.90 2.29 -1.21
C GLY A 123 17.08 3.27 -1.19
N VAL A 124 18.28 2.84 -1.59
CA VAL A 124 19.45 3.73 -1.75
C VAL A 124 19.54 4.16 -3.23
N THR A 125 19.19 3.31 -4.20
CA THR A 125 19.39 3.68 -5.63
C THR A 125 18.48 4.85 -5.96
N MET A 126 17.27 4.93 -5.36
CA MET A 126 16.32 6.04 -5.53
C MET A 126 16.89 7.39 -5.12
N GLN A 127 17.79 7.48 -4.12
CA GLN A 127 18.33 8.76 -3.60
C GLN A 127 19.39 9.39 -4.53
N LEU A 128 19.94 8.61 -5.45
CA LEU A 128 21.17 9.07 -6.16
C LEU A 128 20.82 10.21 -7.11
N PRO A 129 19.60 10.23 -7.75
CA PRO A 129 19.17 11.36 -8.57
C PRO A 129 18.72 12.59 -7.81
N MET A 130 18.46 12.43 -6.53
CA MET A 130 18.17 13.58 -5.68
C MET A 130 19.45 14.40 -5.59
N ASP A 131 19.29 15.61 -5.11
CA ASP A 131 20.31 16.67 -5.29
C ASP A 131 21.22 16.66 -4.07
N ILE A 132 20.65 16.40 -2.90
CA ILE A 132 21.35 16.44 -1.58
C ILE A 132 20.83 15.29 -0.73
N ARG A 133 21.74 14.49 -0.17
CA ARG A 133 21.39 13.38 0.75
C ARG A 133 21.86 13.79 2.14
N LEU A 134 20.94 13.94 3.09
CA LEU A 134 21.21 14.05 4.55
C LEU A 134 20.84 12.74 5.20
N ALA A 135 21.59 12.29 6.22
CA ALA A 135 21.32 10.98 6.85
C ALA A 135 21.23 11.20 8.36
N SER A 136 20.31 10.46 8.99
CA SER A 136 20.32 10.24 10.45
C SER A 136 21.56 9.42 10.76
N THR A 137 22.14 9.61 11.95
CA THR A 137 23.25 8.76 12.46
C THR A 137 22.78 7.30 12.57
N ASP A 138 21.48 7.06 12.61
CA ASP A 138 20.87 5.69 12.61
C ASP A 138 20.81 5.08 11.22
N ALA A 139 20.94 5.89 10.17
CA ALA A 139 20.76 5.45 8.76
C ALA A 139 21.70 4.30 8.44
N LYS A 140 21.25 3.36 7.61
CA LYS A 140 22.11 2.28 7.05
C LYS A 140 21.83 2.18 5.55
N PHE A 141 22.82 1.73 4.81
CA PHE A 141 22.78 1.72 3.33
C PHE A 141 23.39 0.43 2.86
N GLY A 142 22.84 -0.15 1.82
CA GLY A 142 23.40 -1.36 1.21
C GLY A 142 22.90 -1.53 -0.20
N PHE A 143 23.82 -1.67 -1.15
CA PHE A 143 23.52 -2.03 -2.55
C PHE A 143 23.59 -3.55 -2.60
N VAL A 144 22.54 -4.24 -2.17
CA VAL A 144 22.63 -5.67 -1.75
C VAL A 144 22.33 -6.56 -2.97
N PHE A 145 21.99 -5.97 -4.09
CA PHE A 145 21.58 -6.70 -5.32
C PHE A 145 22.38 -7.99 -5.51
N ALA A 146 23.71 -7.92 -5.64
CA ALA A 146 24.50 -9.11 -6.03
C ALA A 146 24.34 -10.24 -4.99
N ARG A 147 24.10 -9.94 -3.71
CA ARG A 147 23.85 -10.96 -2.65
C ARG A 147 22.48 -11.64 -2.89
N ARG A 148 21.57 -11.04 -3.65
CA ARG A 148 20.24 -11.63 -3.93
C ARG A 148 20.20 -12.22 -5.35
N GLY A 149 21.34 -12.18 -6.09
CA GLY A 149 21.37 -12.76 -7.44
C GLY A 149 20.72 -11.83 -8.45
N ILE A 150 20.59 -10.56 -8.11
CA ILE A 150 20.08 -9.55 -9.08
C ILE A 150 21.12 -8.45 -9.25
N THR A 151 20.74 -7.33 -9.83
CA THR A 151 21.65 -6.27 -10.33
C THR A 151 21.16 -4.88 -9.90
N PRO A 152 22.09 -3.93 -9.67
CA PRO A 152 21.74 -2.55 -9.34
C PRO A 152 20.87 -1.99 -10.47
N GLU A 153 19.79 -1.33 -10.06
CA GLU A 153 18.75 -0.78 -10.97
C GLU A 153 18.59 0.73 -10.69
N ALA A 154 17.50 1.31 -11.17
CA ALA A 154 17.10 2.72 -11.02
C ALA A 154 18.17 3.59 -11.69
N ALA A 155 18.82 3.06 -12.74
CA ALA A 155 19.89 3.73 -13.52
C ALA A 155 21.07 4.04 -12.58
N SER A 156 21.25 3.30 -11.48
CA SER A 156 22.34 3.53 -10.49
C SER A 156 23.72 3.32 -11.15
N SER A 157 23.81 2.47 -12.17
CA SER A 157 25.06 2.33 -12.95
C SER A 157 25.45 3.71 -13.54
N TRP A 158 24.52 4.65 -13.78
CA TRP A 158 24.87 6.04 -14.21
C TRP A 158 25.10 6.96 -13.00
N PHE A 159 24.23 6.92 -12.00
CA PHE A 159 24.15 7.93 -10.92
C PHE A 159 25.23 7.68 -9.88
N LEU A 160 25.49 6.42 -9.57
CA LEU A 160 26.26 6.08 -8.32
C LEU A 160 27.71 6.55 -8.50
N SER A 161 28.34 6.30 -9.64
CA SER A 161 29.71 6.79 -9.93
C SER A 161 29.75 8.32 -9.83
N ARG A 162 28.66 9.05 -10.17
CA ARG A 162 28.67 10.53 -10.13
C ARG A 162 28.39 11.06 -8.72
N VAL A 163 28.09 10.20 -7.78
CA VAL A 163 27.97 10.62 -6.36
C VAL A 163 29.23 10.24 -5.61
N VAL A 164 29.67 8.98 -5.70
CA VAL A 164 30.78 8.51 -4.84
C VAL A 164 31.97 8.12 -5.71
N GLY A 165 31.88 8.20 -7.03
CA GLY A 165 33.03 7.79 -7.84
C GLY A 165 33.05 6.29 -8.02
N ILE A 166 33.71 5.89 -9.10
CA ILE A 166 33.58 4.52 -9.67
C ILE A 166 34.08 3.48 -8.66
N SER A 167 35.23 3.69 -8.04
CA SER A 167 35.86 2.64 -7.21
C SER A 167 34.96 2.28 -6.02
N THR A 168 34.50 3.29 -5.31
CA THR A 168 33.53 3.07 -4.23
C THR A 168 32.23 2.40 -4.75
N ALA A 169 31.72 2.78 -5.91
CA ALA A 169 30.48 2.23 -6.46
C ALA A 169 30.67 0.73 -6.69
N LEU A 170 31.84 0.37 -7.20
CA LEU A 170 32.16 -1.03 -7.54
C LEU A 170 32.24 -1.84 -6.25
N GLU A 171 32.86 -1.29 -5.21
CA GLU A 171 33.12 -2.03 -3.95
C GLU A 171 31.78 -2.30 -3.24
N TRP A 172 30.94 -1.29 -3.14
CA TRP A 172 29.61 -1.42 -2.51
C TRP A 172 28.73 -2.43 -3.26
N CYS A 173 28.76 -2.43 -4.60
CA CYS A 173 27.88 -3.32 -5.43
C CYS A 173 28.45 -4.74 -5.49
N TYR A 174 29.78 -4.91 -5.44
CA TYR A 174 30.44 -6.25 -5.43
C TYR A 174 30.18 -6.98 -4.11
N THR A 175 30.37 -6.35 -2.96
CA THR A 175 30.24 -7.03 -1.66
C THR A 175 28.75 -7.10 -1.24
N GLY A 176 27.96 -6.11 -1.65
CA GLY A 176 26.56 -5.92 -1.19
C GLY A 176 26.44 -5.62 0.31
N ARG A 177 27.53 -5.18 0.94
CA ARG A 177 27.62 -4.92 2.39
C ARG A 177 26.61 -3.85 2.80
N VAL A 178 25.96 -4.03 3.93
CA VAL A 178 25.14 -2.96 4.56
C VAL A 178 26.14 -2.12 5.37
N PHE A 179 26.29 -0.83 5.07
CA PHE A 179 27.31 0.01 5.73
C PHE A 179 26.64 1.16 6.49
N SER A 180 27.43 1.80 7.36
CA SER A 180 26.96 2.82 8.34
C SER A 180 26.79 4.17 7.66
N ALA A 181 26.02 5.04 8.30
CA ALA A 181 25.98 6.49 8.01
C ALA A 181 27.40 7.06 7.93
N GLN A 182 28.34 6.61 8.77
CA GLN A 182 29.69 7.23 8.83
C GLN A 182 30.43 6.91 7.54
N GLU A 183 30.43 5.65 7.13
CA GLU A 183 31.00 5.29 5.80
C GLU A 183 30.30 6.11 4.69
N ALA A 184 28.96 6.19 4.72
CA ALA A 184 28.17 6.93 3.68
C ALA A 184 28.72 8.35 3.53
N HIS A 185 28.97 9.00 4.66
CA HIS A 185 29.46 10.42 4.71
C HIS A 185 30.93 10.51 4.30
N GLU A 186 31.78 9.62 4.81
CA GLU A 186 33.23 9.65 4.45
C GLU A 186 33.41 9.35 2.95
N ARG A 187 32.60 8.49 2.32
CA ARG A 187 32.83 8.09 0.91
C ARG A 187 32.06 9.02 -0.01
N GLY A 188 31.27 9.93 0.58
CA GLY A 188 30.59 11.03 -0.11
C GLY A 188 29.18 10.71 -0.58
N LEU A 189 28.55 9.58 -0.17
CA LEU A 189 27.10 9.35 -0.49
C LEU A 189 26.20 10.42 0.17
N VAL A 190 26.52 10.87 1.38
CA VAL A 190 25.67 11.84 2.11
C VAL A 190 26.48 13.08 2.47
N ARG A 191 25.80 14.22 2.37
CA ARG A 191 26.37 15.56 2.59
C ARG A 191 26.78 15.68 4.07
N SER A 192 25.89 15.29 4.97
CA SER A 192 26.02 15.51 6.44
C SER A 192 25.19 14.49 7.25
N LEU A 193 25.55 14.36 8.52
CA LEU A 193 24.96 13.43 9.48
C LEU A 193 24.28 14.20 10.59
N HIS A 194 23.14 13.71 11.05
CA HIS A 194 22.28 14.41 12.01
C HIS A 194 21.79 13.40 13.03
N ALA A 195 21.65 13.86 14.27
CA ALA A 195 20.89 13.15 15.31
C ALA A 195 19.48 12.89 14.74
N PRO A 196 18.88 11.71 15.03
CA PRO A 196 17.55 11.37 14.51
C PRO A 196 16.51 12.48 14.60
N GLU A 197 16.41 13.13 15.77
CA GLU A 197 15.57 14.32 16.01
C GLU A 197 16.04 15.54 15.18
N ASP A 198 17.28 15.61 14.68
CA ASP A 198 17.82 16.84 14.00
C ASP A 198 17.67 16.72 12.47
N LEU A 199 17.43 15.53 11.96
CA LEU A 199 17.46 15.32 10.50
C LEU A 199 16.47 16.22 9.75
N LEU A 200 15.17 16.10 10.01
CA LEU A 200 14.16 16.87 9.25
C LEU A 200 14.33 18.38 9.47
N PRO A 201 14.56 18.88 10.71
CA PRO A 201 14.95 20.29 10.89
C PRO A 201 16.11 20.74 9.97
N ALA A 202 17.17 19.94 9.83
CA ALA A 202 18.33 20.27 8.96
C ALA A 202 17.83 20.33 7.50
N ALA A 203 17.06 19.35 7.05
CA ALA A 203 16.57 19.26 5.65
C ALA A 203 15.71 20.48 5.37
N GLN A 204 14.84 20.81 6.32
CA GLN A 204 13.98 22.01 6.30
C GLN A 204 14.82 23.30 6.21
N ALA A 205 15.82 23.51 7.08
CA ALA A 205 16.65 24.74 7.06
C ALA A 205 17.27 24.94 5.66
N ILE A 206 17.77 23.87 5.03
CA ILE A 206 18.30 23.98 3.64
C ILE A 206 17.16 24.39 2.70
N ALA A 207 16.03 23.69 2.77
CA ALA A 207 14.87 23.89 1.87
C ALA A 207 14.36 25.33 1.98
N ARG A 208 14.23 25.83 3.21
CA ARG A 208 13.70 27.18 3.48
C ARG A 208 14.71 28.20 3.02
N GLU A 209 16.01 27.95 3.15
CA GLU A 209 17.02 28.94 2.70
C GLU A 209 16.93 29.13 1.18
N ILE A 210 16.72 28.03 0.44
CA ILE A 210 16.47 28.09 -1.03
C ILE A 210 15.14 28.82 -1.26
N ALA A 211 14.08 28.37 -0.63
CA ALA A 211 12.71 28.94 -0.81
C ALA A 211 12.73 30.47 -0.55
N ALA A 212 13.52 30.94 0.41
CA ALA A 212 13.63 32.36 0.86
C ALA A 212 14.46 33.23 -0.11
N ASN A 213 15.56 32.71 -0.66
CA ASN A 213 16.64 33.56 -1.21
C ASN A 213 16.72 33.42 -2.73
N ALA A 214 16.27 32.34 -3.34
CA ALA A 214 16.60 32.10 -4.76
C ALA A 214 15.32 32.22 -5.59
N ALA A 215 15.46 32.75 -6.81
CA ALA A 215 14.38 32.84 -7.83
C ALA A 215 14.11 31.46 -8.41
N PRO A 216 12.85 30.96 -8.31
CA PRO A 216 12.49 29.60 -8.69
C PRO A 216 12.84 29.22 -10.14
N VAL A 217 12.73 30.17 -11.08
CA VAL A 217 13.10 29.86 -12.48
C VAL A 217 14.62 29.64 -12.53
N SER A 218 15.44 30.45 -11.86
CA SER A 218 16.93 30.31 -11.85
C SER A 218 17.34 28.98 -11.24
N VAL A 219 16.65 28.57 -10.19
CA VAL A 219 16.92 27.29 -9.50
C VAL A 219 16.63 26.14 -10.47
N ALA A 220 15.48 26.16 -11.19
CA ALA A 220 15.01 25.11 -12.10
C ALA A 220 15.98 24.96 -13.28
N ILE A 221 16.37 26.07 -13.92
CA ILE A 221 17.38 26.06 -15.00
C ILE A 221 18.72 25.49 -14.47
N SER A 222 19.22 25.98 -13.34
CA SER A 222 20.48 25.49 -12.71
C SER A 222 20.42 23.98 -12.55
N ARG A 223 19.34 23.50 -11.92
CA ARG A 223 19.16 22.04 -11.66
C ARG A 223 19.32 21.31 -12.98
N GLN A 224 18.61 21.74 -14.01
CA GLN A 224 18.57 21.02 -15.29
C GLN A 224 19.94 21.07 -15.98
N LEU A 225 20.61 22.23 -16.00
CA LEU A 225 21.91 22.31 -16.70
C LEU A 225 22.95 21.49 -15.92
N ILE A 226 22.94 21.53 -14.59
CA ILE A 226 24.02 20.80 -13.86
C ILE A 226 23.88 19.29 -14.11
N TRP A 227 22.65 18.79 -14.03
CA TRP A 227 22.40 17.34 -14.15
C TRP A 227 22.67 16.93 -15.61
N ARG A 228 22.23 17.73 -16.57
CA ARG A 228 22.24 17.33 -17.99
C ARG A 228 23.65 17.49 -18.52
N MET A 229 24.37 18.53 -18.10
CA MET A 229 25.74 18.80 -18.62
C MET A 229 26.75 17.83 -17.97
N ALA A 230 26.36 17.11 -16.92
CA ALA A 230 27.24 16.05 -16.36
C ALA A 230 27.46 14.92 -17.41
N GLY A 231 26.60 14.75 -18.40
CA GLY A 231 26.78 13.73 -19.45
C GLY A 231 27.23 14.36 -20.75
N ALA A 232 27.50 15.67 -20.77
CA ALA A 232 27.90 16.36 -22.01
C ALA A 232 29.40 16.12 -22.31
N SER A 233 29.77 15.94 -23.57
CA SER A 233 31.15 15.58 -23.98
C SER A 233 32.08 16.79 -23.93
N HIS A 234 31.56 18.01 -23.96
CA HIS A 234 32.45 19.20 -24.01
C HIS A 234 31.75 20.40 -23.40
N PRO A 235 32.46 21.33 -22.71
CA PRO A 235 31.84 22.53 -22.12
C PRO A 235 31.14 23.46 -23.13
N MET A 236 31.41 23.33 -24.43
CA MET A 236 30.72 24.08 -25.50
C MET A 236 29.22 23.85 -25.36
N GLU A 237 28.80 22.61 -25.05
CA GLU A 237 27.36 22.29 -24.91
C GLU A 237 26.76 23.16 -23.82
N ALA A 238 27.44 23.30 -22.68
CA ALA A 238 26.96 24.10 -21.55
C ALA A 238 26.97 25.57 -21.97
N HIS A 239 28.01 26.00 -22.66
CA HIS A 239 28.15 27.43 -23.05
C HIS A 239 26.95 27.85 -23.92
N LYS A 240 26.51 26.99 -24.85
CA LYS A 240 25.40 27.28 -25.78
C LYS A 240 24.14 27.45 -24.95
N LEU A 241 23.81 26.49 -24.07
CA LEU A 241 22.59 26.53 -23.25
C LEU A 241 22.69 27.69 -22.25
N ASP A 242 23.82 27.83 -21.55
CA ASP A 242 23.87 28.81 -20.43
C ASP A 242 23.97 30.23 -21.01
N SER A 243 24.40 30.39 -22.28
CA SER A 243 24.31 31.70 -22.99
C SER A 243 22.83 32.07 -23.18
N ARG A 244 21.99 31.14 -23.62
CA ARG A 244 20.54 31.40 -23.86
C ARG A 244 19.89 31.64 -22.48
N ALA A 245 20.25 30.88 -21.45
CA ALA A 245 19.62 30.99 -20.11
C ALA A 245 19.87 32.39 -19.53
N ILE A 246 21.11 32.90 -19.59
CA ILE A 246 21.53 34.19 -18.96
C ILE A 246 20.96 35.39 -19.75
N GLN A 247 20.88 35.27 -21.09
CA GLN A 247 20.20 36.23 -21.99
C GLN A 247 18.73 36.38 -21.56
N SER A 248 18.02 35.26 -21.38
CA SER A 248 16.57 35.21 -21.03
C SER A 248 16.39 35.78 -19.62
N ARG A 249 17.10 35.28 -18.60
CA ARG A 249 17.04 35.79 -17.21
C ARG A 249 17.43 37.28 -17.13
N GLY A 250 18.40 37.72 -17.96
CA GLY A 250 18.84 39.13 -18.06
C GLY A 250 17.70 40.08 -18.39
N ARG A 251 16.71 39.63 -19.17
CA ARG A 251 15.54 40.42 -19.61
C ARG A 251 14.31 40.13 -18.72
N SER A 252 14.46 39.24 -17.72
CA SER A 252 13.33 38.82 -16.87
C SER A 252 13.01 39.89 -15.78
N ALA A 253 11.79 39.82 -15.29
CA ALA A 253 11.23 40.59 -14.15
C ALA A 253 11.90 40.16 -12.83
N ASP A 254 12.42 38.95 -12.75
CA ASP A 254 13.10 38.46 -11.52
C ASP A 254 14.33 39.32 -11.27
N VAL A 255 15.07 39.60 -12.34
CA VAL A 255 16.34 40.37 -12.32
C VAL A 255 16.05 41.78 -11.82
N LYS A 256 14.97 42.39 -12.32
CA LYS A 256 14.45 43.72 -11.93
C LYS A 256 14.08 43.70 -10.45
N GLU A 257 13.25 42.74 -10.03
CA GLU A 257 12.85 42.53 -8.61
C GLU A 257 14.10 42.46 -7.72
N GLY A 258 15.14 41.75 -8.18
CA GLY A 258 16.42 41.63 -7.46
C GLY A 258 17.07 42.99 -7.29
N VAL A 259 17.03 43.85 -8.31
CA VAL A 259 17.59 45.23 -8.24
C VAL A 259 16.79 46.07 -7.24
N SER A 260 15.48 46.22 -7.49
CA SER A 260 14.56 47.05 -6.65
C SER A 260 14.86 46.75 -5.19
N ALA A 261 14.77 45.46 -4.83
CA ALA A 261 14.74 44.96 -3.43
C ALA A 261 16.04 45.33 -2.69
N PHE A 262 17.20 45.18 -3.35
CA PHE A 262 18.54 45.54 -2.79
C PHE A 262 18.56 47.03 -2.44
N LEU A 263 18.25 47.88 -3.42
CA LEU A 263 18.14 49.35 -3.24
C LEU A 263 17.15 49.63 -2.10
N GLU A 264 15.93 49.10 -2.18
CA GLU A 264 14.86 49.33 -1.16
C GLU A 264 15.05 48.44 0.08
N LYS A 265 16.27 47.97 0.37
CA LYS A 265 16.66 47.33 1.66
C LYS A 265 15.58 46.31 2.08
N ARG A 266 15.21 45.35 1.21
CA ARG A 266 14.12 44.37 1.49
C ARG A 266 14.42 43.03 0.82
N PRO A 267 13.86 41.90 1.33
CA PRO A 267 14.03 40.60 0.68
C PRO A 267 13.28 40.56 -0.66
N ALA A 268 13.94 40.14 -1.74
CA ALA A 268 13.32 39.96 -3.08
C ALA A 268 12.10 39.03 -2.95
N ALA A 269 11.04 39.29 -3.70
CA ALA A 269 9.86 38.40 -3.86
C ALA A 269 9.79 37.99 -5.33
N PHE A 270 10.78 37.28 -5.83
CA PHE A 270 10.85 36.91 -7.26
C PHE A 270 9.43 36.54 -7.71
N PRO A 271 8.89 37.22 -8.74
CA PRO A 271 7.57 36.92 -9.27
C PRO A 271 7.46 35.86 -10.35
N GLU A 272 8.52 35.57 -11.09
CA GLU A 272 8.40 34.57 -12.19
C GLU A 272 8.35 33.16 -11.60
N THR A 273 7.61 32.28 -12.26
CA THR A 273 7.18 30.96 -11.74
C THR A 273 7.68 29.87 -12.67
N VAL A 274 7.94 28.68 -12.11
CA VAL A 274 8.35 27.50 -12.90
C VAL A 274 7.17 27.05 -13.78
N SER A 275 5.93 27.30 -13.37
CA SER A 275 4.74 26.79 -14.10
C SER A 275 4.58 27.49 -15.45
N HIS A 276 4.87 28.80 -15.54
CA HIS A 276 4.61 29.65 -16.74
C HIS A 276 5.91 30.15 -17.37
N ASP A 277 6.92 30.51 -16.57
CA ASP A 277 7.96 31.48 -17.04
C ASP A 277 9.27 30.74 -17.34
N MET A 278 9.26 29.39 -17.40
CA MET A 278 10.44 28.58 -17.84
C MET A 278 10.75 29.05 -19.26
N PRO A 279 11.99 29.47 -19.59
CA PRO A 279 12.33 29.89 -20.95
C PRO A 279 12.06 28.80 -21.99
N ASP A 280 11.60 29.17 -23.18
CA ASP A 280 11.06 28.21 -24.19
C ASP A 280 12.15 27.70 -25.13
N PHE A 281 13.40 28.17 -25.05
CA PHE A 281 14.48 27.78 -26.00
C PHE A 281 14.92 26.33 -25.78
N PHE A 282 14.49 25.67 -24.70
CA PHE A 282 14.90 24.28 -24.34
C PHE A 282 13.72 23.64 -23.64
N ASP A 283 13.46 22.37 -23.94
CA ASP A 283 12.34 21.58 -23.38
C ASP A 283 12.88 20.96 -22.09
N TRP A 284 12.57 21.55 -20.96
CA TRP A 284 13.12 21.05 -19.68
C TRP A 284 12.56 19.66 -19.35
N THR A 285 11.52 19.21 -20.05
CA THR A 285 10.81 17.95 -19.70
C THR A 285 11.37 16.81 -20.57
N SER A 286 12.32 17.11 -21.44
CA SER A 286 12.76 16.18 -22.51
C SER A 286 13.63 15.09 -21.88
N GLU A 287 13.57 13.95 -22.51
CA GLU A 287 14.44 12.83 -22.15
C GLU A 287 14.64 12.02 -23.43
N PRO A 288 15.77 11.32 -23.54
CA PRO A 288 16.00 10.44 -24.67
C PRO A 288 15.01 9.27 -24.70
N PRO A 289 14.78 8.63 -25.87
CA PRO A 289 13.80 7.56 -25.94
C PRO A 289 14.15 6.25 -25.22
N PHE A 290 13.14 5.64 -24.61
CA PHE A 290 13.33 4.31 -24.01
C PHE A 290 13.04 3.29 -25.13
N ILE A 291 14.05 2.62 -25.67
CA ILE A 291 13.78 1.66 -26.78
C ILE A 291 14.56 0.38 -26.50
N LEU A 292 13.91 -0.78 -26.66
CA LEU A 292 14.61 -2.06 -26.43
C LEU A 292 15.03 -2.67 -27.77
N GLU A 293 16.18 -3.34 -27.77
CA GLU A 293 16.75 -3.92 -29.00
C GLU A 293 16.79 -5.45 -28.91
N SER B 7 0.81 -7.29 -5.10
CA SER B 7 1.09 -6.57 -3.81
C SER B 7 -0.01 -5.55 -3.52
N PHE B 8 -0.74 -5.78 -2.43
CA PHE B 8 -1.81 -4.91 -1.89
C PHE B 8 -1.23 -3.67 -1.20
N GLU B 9 -1.94 -2.56 -1.33
CA GLU B 9 -1.63 -1.29 -0.68
C GLU B 9 -2.67 -1.05 0.42
N THR B 10 -3.97 -1.38 0.19
CA THR B 10 -5.05 -0.99 1.16
C THR B 10 -5.33 -2.15 2.12
N LEU B 11 -4.62 -3.24 1.94
CA LEU B 11 -4.59 -4.50 2.72
C LEU B 11 -3.15 -4.95 2.91
N ARG B 12 -2.95 -5.82 3.88
CA ARG B 12 -1.81 -6.77 3.95
C ARG B 12 -2.35 -8.18 3.84
N TYR B 13 -1.57 -9.09 3.31
CA TYR B 13 -1.91 -10.52 3.09
C TYR B 13 -0.67 -11.34 3.44
N ALA B 14 -0.78 -12.26 4.40
CA ALA B 14 0.26 -13.25 4.75
C ALA B 14 -0.39 -14.61 4.95
N VAL B 15 0.35 -15.68 4.69
CA VAL B 15 -0.05 -17.07 4.97
C VAL B 15 1.03 -17.72 5.84
N ALA B 16 0.63 -18.36 6.93
CA ALA B 16 1.51 -19.14 7.84
C ALA B 16 0.67 -20.29 8.39
N ASP B 17 1.19 -21.50 8.26
CA ASP B 17 0.61 -22.74 8.81
C ASP B 17 -0.83 -22.88 8.31
N GLY B 18 -1.07 -22.63 7.03
CA GLY B 18 -2.38 -22.84 6.41
C GLY B 18 -3.41 -21.76 6.74
N VAL B 19 -2.99 -20.68 7.41
CA VAL B 19 -3.94 -19.59 7.78
C VAL B 19 -3.56 -18.32 7.02
N ALA B 20 -4.45 -17.82 6.15
CA ALA B 20 -4.31 -16.50 5.53
C ALA B 20 -4.86 -15.48 6.51
N THR B 21 -4.11 -14.40 6.72
CA THR B 21 -4.59 -13.19 7.40
C THR B 21 -4.62 -12.07 6.36
N ILE B 22 -5.82 -11.51 6.12
CA ILE B 22 -6.07 -10.24 5.39
C ILE B 22 -6.22 -9.17 6.45
N THR B 23 -5.31 -8.20 6.47
CA THR B 23 -5.41 -7.02 7.35
C THR B 23 -5.88 -5.82 6.54
N LEU B 24 -6.96 -5.18 6.96
CA LEU B 24 -7.41 -3.87 6.40
C LEU B 24 -6.39 -2.81 6.79
N HIS B 25 -5.79 -2.11 5.79
CA HIS B 25 -4.58 -1.27 6.00
C HIS B 25 -4.70 0.10 5.33
N ARG B 26 -5.43 1.02 5.95
CA ARG B 26 -5.34 2.48 5.73
C ARG B 26 -5.41 3.09 7.12
N PRO B 27 -4.44 2.72 7.99
CA PRO B 27 -4.53 3.03 9.42
C PRO B 27 -4.68 4.52 9.73
N ASP B 28 -4.07 5.39 8.91
CA ASP B 28 -4.19 6.86 9.02
C ASP B 28 -5.65 7.32 8.86
N GLN B 29 -6.45 6.57 8.10
CA GLN B 29 -7.91 6.84 7.91
C GLN B 29 -8.78 5.77 8.59
N LEU B 30 -8.30 5.10 9.66
CA LEU B 30 -8.99 4.05 10.46
C LEU B 30 -9.57 2.97 9.53
N ASN B 31 -8.83 2.70 8.47
CA ASN B 31 -8.98 1.58 7.52
C ASN B 31 -10.22 1.88 6.70
N ALA B 32 -10.52 3.17 6.50
CA ALA B 32 -11.75 3.57 5.80
C ALA B 32 -11.76 2.94 4.40
N PHE B 33 -12.94 2.44 4.03
CA PHE B 33 -13.18 1.57 2.85
C PHE B 33 -13.14 2.43 1.60
N THR B 34 -12.45 1.99 0.55
CA THR B 34 -12.30 2.83 -0.68
C THR B 34 -12.51 1.91 -1.87
N ALA B 35 -12.55 2.49 -3.07
CA ALA B 35 -12.73 1.71 -4.32
C ALA B 35 -11.54 0.75 -4.49
N GLN B 36 -10.33 1.24 -4.22
CA GLN B 36 -9.14 0.35 -4.26
C GLN B 36 -9.36 -0.77 -3.24
N MET B 37 -9.80 -0.45 -2.02
CA MET B 37 -9.88 -1.55 -1.04
C MET B 37 -10.96 -2.57 -1.53
N MET B 38 -12.02 -2.12 -2.16
CA MET B 38 -13.02 -3.07 -2.70
C MET B 38 -12.32 -4.04 -3.66
N HIS B 39 -11.66 -3.50 -4.69
CA HIS B 39 -10.87 -4.29 -5.69
C HIS B 39 -9.86 -5.19 -5.01
N GLU B 40 -9.14 -4.70 -4.00
CA GLU B 40 -8.09 -5.54 -3.36
C GLU B 40 -8.74 -6.71 -2.58
N LEU B 41 -9.88 -6.49 -1.91
CA LEU B 41 -10.54 -7.53 -1.08
C LEU B 41 -11.07 -8.62 -2.00
N ILE B 42 -11.61 -8.25 -3.15
CA ILE B 42 -12.06 -9.25 -4.15
C ILE B 42 -10.85 -10.06 -4.63
N ALA B 43 -9.73 -9.41 -4.91
CA ALA B 43 -8.45 -10.03 -5.33
C ALA B 43 -7.94 -10.97 -4.25
N ALA B 44 -8.04 -10.54 -3.00
CA ALA B 44 -7.54 -11.32 -1.85
C ALA B 44 -8.33 -12.63 -1.80
N PHE B 45 -9.67 -12.57 -1.90
CA PHE B 45 -10.53 -13.79 -1.82
C PHE B 45 -10.22 -14.68 -3.03
N ASP B 46 -9.94 -14.10 -4.21
CA ASP B 46 -9.45 -14.86 -5.39
C ASP B 46 -8.20 -15.64 -5.00
N ALA B 47 -7.28 -15.05 -4.25
CA ALA B 47 -6.01 -15.71 -3.87
C ALA B 47 -6.29 -16.80 -2.85
N THR B 48 -7.15 -16.54 -1.86
CA THR B 48 -7.43 -17.50 -0.77
C THR B 48 -8.12 -18.73 -1.39
N ASP B 49 -9.09 -18.51 -2.26
CA ASP B 49 -9.83 -19.61 -2.93
C ASP B 49 -8.86 -20.44 -3.79
N ALA B 50 -7.84 -19.84 -4.42
CA ALA B 50 -6.89 -20.54 -5.35
C ALA B 50 -5.78 -21.30 -4.60
N ASP B 51 -5.29 -20.74 -3.49
CA ASP B 51 -4.13 -21.26 -2.74
C ASP B 51 -4.54 -22.39 -1.82
N ASP B 52 -4.19 -23.63 -2.21
CA ASP B 52 -4.54 -24.88 -1.48
C ASP B 52 -3.82 -24.91 -0.13
N ASN B 53 -2.71 -24.18 0.05
CA ASN B 53 -2.04 -24.01 1.36
C ASN B 53 -2.94 -23.20 2.32
N VAL B 54 -3.91 -22.43 1.82
CA VAL B 54 -4.83 -21.64 2.70
C VAL B 54 -6.04 -22.52 3.08
N ARG B 55 -6.18 -22.82 4.36
CA ARG B 55 -7.28 -23.68 4.85
C ARG B 55 -8.29 -22.86 5.65
N ALA B 56 -7.94 -21.61 5.97
CA ALA B 56 -8.76 -20.66 6.75
C ALA B 56 -8.26 -19.24 6.48
N VAL B 57 -9.16 -18.28 6.62
CA VAL B 57 -8.90 -16.85 6.39
C VAL B 57 -9.31 -16.08 7.64
N ILE B 58 -8.44 -15.16 8.09
CA ILE B 58 -8.76 -14.20 9.19
C ILE B 58 -8.76 -12.82 8.57
N VAL B 59 -9.81 -12.03 8.77
CA VAL B 59 -9.83 -10.59 8.41
C VAL B 59 -9.75 -9.79 9.71
N THR B 60 -8.78 -8.86 9.80
CA THR B 60 -8.61 -7.95 10.95
C THR B 60 -8.19 -6.58 10.43
N GLY B 61 -8.06 -5.59 11.31
CA GLY B 61 -7.69 -4.22 10.95
C GLY B 61 -6.30 -3.85 11.44
N SER B 62 -5.60 -3.00 10.68
CA SER B 62 -4.37 -2.26 11.06
C SER B 62 -4.74 -1.19 12.07
N GLY B 63 -3.85 -0.95 13.04
CA GLY B 63 -3.99 0.21 13.94
C GLY B 63 -5.14 0.01 14.89
N ARG B 64 -5.83 1.10 15.25
CA ARG B 64 -6.81 1.14 16.38
C ARG B 64 -8.20 0.64 15.94
N ALA B 65 -8.56 0.85 14.66
CA ALA B 65 -9.87 0.52 14.07
C ALA B 65 -9.85 -0.85 13.38
N PHE B 66 -11.03 -1.44 13.21
CA PHE B 66 -11.25 -2.51 12.23
C PHE B 66 -11.49 -1.79 10.90
N CYS B 67 -12.57 -1.02 10.82
CA CYS B 67 -12.92 -0.21 9.64
C CYS B 67 -13.91 0.88 10.05
N ALA B 68 -13.53 2.15 9.96
CA ALA B 68 -14.36 3.28 10.48
C ALA B 68 -15.48 3.66 9.50
N GLY B 69 -15.62 2.98 8.36
CA GLY B 69 -16.68 3.27 7.36
C GLY B 69 -16.13 3.64 5.97
N ALA B 70 -16.97 4.17 5.10
CA ALA B 70 -16.60 4.52 3.71
C ALA B 70 -15.79 5.83 3.74
N ASP B 71 -14.72 5.91 2.97
CA ASP B 71 -13.85 7.13 2.92
C ASP B 71 -14.55 8.23 2.10
N LEU B 72 -14.49 9.47 2.60
CA LEU B 72 -14.93 10.74 1.97
C LEU B 72 -16.45 10.85 2.09
N SER B 91 -24.22 -0.33 -16.79
CA SER B 91 -24.31 -1.33 -15.68
C SER B 91 -22.93 -1.51 -15.02
N ALA B 92 -22.92 -2.01 -13.77
CA ALA B 92 -21.85 -1.80 -12.75
C ALA B 92 -22.07 -0.44 -12.07
N HIS B 93 -23.32 -0.18 -11.65
CA HIS B 93 -23.78 0.93 -10.76
C HIS B 93 -23.88 0.40 -9.30
N ARG B 94 -22.97 -0.50 -8.94
CA ARG B 94 -23.12 -1.50 -7.83
C ARG B 94 -22.47 -0.98 -6.56
N ASP B 95 -23.15 -1.16 -5.42
CA ASP B 95 -22.54 -0.84 -4.09
C ASP B 95 -21.20 -1.56 -3.95
N GLY B 96 -20.15 -0.84 -3.55
CA GLY B 96 -18.82 -1.42 -3.36
C GLY B 96 -18.82 -2.46 -2.27
N GLY B 97 -19.44 -2.19 -1.13
CA GLY B 97 -19.48 -3.16 0.00
C GLY B 97 -20.09 -4.47 -0.44
N GLY B 98 -21.11 -4.40 -1.30
CA GLY B 98 -21.88 -5.57 -1.74
C GLY B 98 -21.09 -6.47 -2.66
N ARG B 99 -20.27 -5.88 -3.50
CA ARG B 99 -19.34 -6.65 -4.38
C ARG B 99 -18.42 -7.50 -3.50
N VAL B 100 -17.96 -6.95 -2.38
CA VAL B 100 -17.16 -7.69 -1.37
C VAL B 100 -18.01 -8.78 -0.75
N SER B 101 -19.21 -8.44 -0.22
CA SER B 101 -20.08 -9.38 0.49
C SER B 101 -20.38 -10.55 -0.45
N LEU B 102 -20.83 -10.26 -1.66
CA LEU B 102 -21.19 -11.31 -2.63
C LEU B 102 -19.95 -12.16 -2.91
N ARG B 103 -18.78 -11.56 -3.00
CA ARG B 103 -17.55 -12.33 -3.29
C ARG B 103 -17.31 -13.28 -2.10
N ILE B 104 -17.47 -12.78 -0.88
CA ILE B 104 -17.23 -13.63 0.32
C ILE B 104 -18.28 -14.75 0.40
N PHE B 105 -19.55 -14.49 0.10
CA PHE B 105 -20.60 -15.51 0.04
C PHE B 105 -20.17 -16.70 -0.81
N ARG B 106 -19.58 -16.44 -1.98
CA ARG B 106 -19.25 -17.54 -2.93
C ARG B 106 -17.81 -18.01 -2.72
N SER B 107 -17.12 -17.61 -1.64
CA SER B 107 -15.76 -18.13 -1.34
C SER B 107 -15.83 -19.54 -0.74
N LEU B 108 -14.69 -20.23 -0.72
CA LEU B 108 -14.64 -21.67 -0.45
C LEU B 108 -13.84 -21.96 0.81
N LYS B 109 -13.31 -20.96 1.50
CA LYS B 109 -12.47 -21.23 2.71
C LYS B 109 -13.15 -20.60 3.92
N PRO B 110 -13.07 -21.21 5.13
CA PRO B 110 -13.52 -20.58 6.36
C PRO B 110 -13.02 -19.13 6.49
N VAL B 111 -13.90 -18.18 6.85
CA VAL B 111 -13.59 -16.74 7.02
C VAL B 111 -13.95 -16.34 8.44
N ILE B 112 -13.01 -15.77 9.15
CA ILE B 112 -13.17 -15.32 10.57
C ILE B 112 -12.87 -13.85 10.62
N ALA B 113 -13.80 -13.03 11.12
CA ALA B 113 -13.49 -11.62 11.42
C ALA B 113 -12.87 -11.60 12.84
N ALA B 114 -11.67 -11.02 12.92
CA ALA B 114 -11.06 -10.61 14.19
C ALA B 114 -11.21 -9.10 14.34
N VAL B 115 -12.27 -8.64 15.00
CA VAL B 115 -12.61 -7.19 15.06
C VAL B 115 -11.82 -6.59 16.22
N ASN B 116 -10.82 -5.77 15.92
CA ASN B 116 -9.79 -5.28 16.89
C ASN B 116 -10.21 -3.89 17.39
N GLY B 117 -11.17 -3.24 16.75
CA GLY B 117 -11.58 -1.86 17.14
C GLY B 117 -12.87 -1.44 16.48
N ALA B 118 -13.03 -0.15 16.19
CA ALA B 118 -14.26 0.42 15.64
C ALA B 118 -14.57 -0.26 14.29
N ALA B 119 -15.83 -0.65 14.11
CA ALA B 119 -16.41 -1.26 12.89
C ALA B 119 -17.74 -0.57 12.60
N VAL B 120 -17.72 0.44 11.74
CA VAL B 120 -18.79 1.47 11.57
C VAL B 120 -19.23 1.47 10.11
N GLY B 121 -20.52 1.47 9.84
CA GLY B 121 -21.00 1.45 8.45
C GLY B 121 -20.54 0.19 7.77
N VAL B 122 -19.88 0.33 6.61
CA VAL B 122 -19.45 -0.80 5.76
C VAL B 122 -18.44 -1.62 6.56
N GLY B 123 -17.87 -1.04 7.60
CA GLY B 123 -16.93 -1.73 8.48
C GLY B 123 -17.59 -2.86 9.27
N VAL B 124 -18.86 -2.71 9.67
CA VAL B 124 -19.61 -3.83 10.32
C VAL B 124 -20.37 -4.63 9.27
N THR B 125 -20.98 -3.96 8.29
CA THR B 125 -21.68 -4.68 7.18
C THR B 125 -20.62 -5.06 6.16
N MET B 126 -20.14 -6.27 6.20
CA MET B 126 -18.94 -6.72 5.45
C MET B 126 -18.33 -7.78 6.32
N GLN B 127 -18.52 -7.67 7.64
CA GLN B 127 -18.25 -8.82 8.54
C GLN B 127 -19.37 -9.87 8.43
N LEU B 128 -20.57 -9.46 8.02
CA LEU B 128 -21.79 -10.24 8.21
C LEU B 128 -21.79 -11.50 7.34
N PRO B 129 -21.20 -11.48 6.12
CA PRO B 129 -21.01 -12.71 5.34
C PRO B 129 -19.82 -13.55 5.77
N MET B 130 -19.01 -13.05 6.66
CA MET B 130 -17.95 -13.92 7.21
C MET B 130 -18.66 -14.96 8.11
N ASP B 131 -17.97 -16.05 8.38
CA ASP B 131 -18.50 -17.28 8.99
C ASP B 131 -18.54 -17.14 10.52
N ILE B 132 -17.51 -16.55 11.10
CA ILE B 132 -17.38 -16.41 12.58
C ILE B 132 -16.84 -15.03 12.86
N ARG B 133 -17.34 -14.36 13.90
CA ARG B 133 -16.90 -13.00 14.24
C ARG B 133 -16.39 -13.09 15.69
N LEU B 134 -15.11 -12.76 15.90
CA LEU B 134 -14.46 -12.58 17.23
C LEU B 134 -14.22 -11.08 17.45
N ALA B 135 -14.36 -10.56 18.66
CA ALA B 135 -14.17 -9.12 18.92
C ALA B 135 -13.25 -8.93 20.12
N SER B 136 -12.34 -7.96 19.98
CA SER B 136 -11.65 -7.36 21.15
C SER B 136 -12.71 -6.72 22.04
N THR B 137 -12.49 -6.72 23.36
CA THR B 137 -13.28 -5.98 24.35
C THR B 137 -13.26 -4.48 24.04
N ASP B 138 -12.32 -4.04 23.23
CA ASP B 138 -12.20 -2.63 22.78
C ASP B 138 -12.98 -2.38 21.49
N ALA B 139 -13.51 -3.40 20.83
CA ALA B 139 -14.30 -3.22 19.59
C ALA B 139 -15.56 -2.38 19.88
N LYS B 140 -15.96 -1.56 18.90
CA LYS B 140 -17.24 -0.84 18.87
C LYS B 140 -17.89 -1.08 17.52
N PHE B 141 -19.21 -1.13 17.46
CA PHE B 141 -19.98 -1.45 16.23
C PHE B 141 -21.05 -0.37 16.05
N GLY B 142 -21.32 0.00 14.80
CA GLY B 142 -22.41 0.92 14.50
C GLY B 142 -22.92 0.82 13.08
N PHE B 143 -24.20 0.53 12.92
CA PHE B 143 -24.95 0.64 11.63
C PHE B 143 -25.45 2.08 11.57
N VAL B 144 -24.56 3.06 11.34
CA VAL B 144 -24.78 4.53 11.54
C VAL B 144 -25.46 5.13 10.30
N PHE B 145 -25.80 4.33 9.32
CA PHE B 145 -26.20 4.78 7.97
C PHE B 145 -27.28 5.85 8.08
N ALA B 146 -28.38 5.53 8.72
CA ALA B 146 -29.60 6.36 8.85
C ALA B 146 -29.25 7.71 9.51
N ARG B 147 -28.23 7.75 10.39
CA ARG B 147 -27.83 9.00 11.06
C ARG B 147 -27.17 9.94 10.03
N ARG B 148 -26.72 9.44 8.88
CA ARG B 148 -26.06 10.19 7.78
C ARG B 148 -26.99 10.43 6.58
N GLY B 149 -28.24 9.96 6.62
CA GLY B 149 -29.19 10.05 5.51
C GLY B 149 -28.86 9.09 4.38
N ILE B 150 -28.05 8.06 4.63
CA ILE B 150 -27.87 6.92 3.66
C ILE B 150 -28.59 5.69 4.22
N THR B 151 -28.38 4.50 3.63
CA THR B 151 -29.07 3.24 3.98
C THR B 151 -28.01 2.17 4.16
N PRO B 152 -28.27 1.12 4.97
CA PRO B 152 -27.32 0.03 5.14
C PRO B 152 -27.19 -0.65 3.79
N GLU B 153 -25.96 -1.00 3.44
CA GLU B 153 -25.60 -1.51 2.11
C GLU B 153 -24.84 -2.83 2.36
N ALA B 154 -24.03 -3.26 1.41
CA ALA B 154 -23.30 -4.55 1.39
C ALA B 154 -24.25 -5.74 1.57
N ALA B 155 -25.47 -5.62 1.08
CA ALA B 155 -26.48 -6.70 1.16
C ALA B 155 -26.77 -6.99 2.64
N SER B 156 -26.51 -6.05 3.55
CA SER B 156 -26.69 -6.24 5.01
C SER B 156 -28.18 -6.51 5.31
N SER B 157 -29.09 -6.04 4.44
CA SER B 157 -30.52 -6.27 4.64
C SER B 157 -30.81 -7.77 4.48
N TRP B 158 -29.93 -8.55 3.83
CA TRP B 158 -30.04 -10.03 3.78
C TRP B 158 -29.26 -10.65 4.95
N PHE B 159 -27.99 -10.26 5.11
CA PHE B 159 -27.06 -10.89 6.09
C PHE B 159 -27.43 -10.60 7.56
N LEU B 160 -27.75 -9.35 7.90
CA LEU B 160 -27.79 -8.92 9.32
C LEU B 160 -28.83 -9.73 10.10
N SER B 161 -30.05 -9.91 9.57
CA SER B 161 -31.15 -10.66 10.26
C SER B 161 -30.75 -12.13 10.44
N ARG B 162 -30.00 -12.71 9.51
CA ARG B 162 -29.47 -14.10 9.60
C ARG B 162 -28.31 -14.19 10.61
N VAL B 163 -27.81 -13.09 11.15
CA VAL B 163 -26.77 -13.16 12.22
C VAL B 163 -27.49 -12.86 13.53
N VAL B 164 -28.31 -11.80 13.60
CA VAL B 164 -28.82 -11.35 14.93
C VAL B 164 -30.34 -11.41 14.98
N GLY B 165 -30.98 -11.81 13.88
CA GLY B 165 -32.45 -11.78 13.90
C GLY B 165 -32.99 -10.39 13.57
N ILE B 166 -34.22 -10.35 13.07
CA ILE B 166 -34.85 -9.16 12.46
C ILE B 166 -34.92 -8.02 13.49
N SER B 167 -35.32 -8.31 14.72
CA SER B 167 -35.63 -7.25 15.72
C SER B 167 -34.36 -6.44 16.03
N THR B 168 -33.28 -7.13 16.37
CA THR B 168 -31.97 -6.49 16.65
C THR B 168 -31.48 -5.73 15.42
N ALA B 169 -31.58 -6.36 14.25
CA ALA B 169 -31.21 -5.72 12.98
C ALA B 169 -31.90 -4.37 12.86
N LEU B 170 -33.26 -4.33 12.93
CA LEU B 170 -33.99 -3.05 12.78
C LEU B 170 -33.54 -2.05 13.85
N GLU B 171 -33.46 -2.48 15.10
CA GLU B 171 -33.17 -1.57 16.23
C GLU B 171 -31.82 -0.89 15.98
N TRP B 172 -30.80 -1.66 15.58
CA TRP B 172 -29.46 -1.12 15.32
C TRP B 172 -29.53 -0.16 14.14
N CYS B 173 -30.31 -0.50 13.10
CA CYS B 173 -30.32 0.28 11.83
C CYS B 173 -31.12 1.57 12.07
N TYR B 174 -32.20 1.54 12.86
CA TYR B 174 -33.09 2.68 13.15
C TYR B 174 -32.32 3.70 13.99
N THR B 175 -31.68 3.26 15.07
CA THR B 175 -31.05 4.20 16.05
C THR B 175 -29.70 4.64 15.47
N GLY B 176 -28.99 3.73 14.80
CA GLY B 176 -27.67 4.00 14.23
C GLY B 176 -26.66 4.15 15.37
N ARG B 177 -27.03 3.62 16.56
CA ARG B 177 -26.21 3.65 17.81
C ARG B 177 -24.85 2.93 17.62
N VAL B 178 -23.81 3.49 18.22
CA VAL B 178 -22.48 2.87 18.30
C VAL B 178 -22.48 2.11 19.62
N PHE B 179 -22.34 0.80 19.59
CA PHE B 179 -22.51 -0.05 20.79
C PHE B 179 -21.25 -0.86 21.06
N SER B 180 -21.15 -1.37 22.30
CA SER B 180 -19.95 -2.04 22.84
C SER B 180 -19.87 -3.45 22.25
N ALA B 181 -18.71 -4.09 22.39
CA ALA B 181 -18.55 -5.53 22.13
C ALA B 181 -19.41 -6.36 23.09
N GLN B 182 -19.80 -5.88 24.28
CA GLN B 182 -20.67 -6.72 25.16
C GLN B 182 -22.10 -6.81 24.57
N GLU B 183 -22.62 -5.71 24.05
CA GLU B 183 -23.93 -5.72 23.36
C GLU B 183 -23.84 -6.63 22.12
N ALA B 184 -22.77 -6.52 21.32
CA ALA B 184 -22.52 -7.35 20.10
C ALA B 184 -22.57 -8.85 20.45
N HIS B 185 -21.88 -9.26 21.52
CA HIS B 185 -21.85 -10.66 22.01
C HIS B 185 -23.23 -11.05 22.56
N GLU B 186 -23.85 -10.23 23.41
CA GLU B 186 -25.20 -10.57 24.00
C GLU B 186 -26.23 -10.78 22.87
N ARG B 187 -26.19 -9.99 21.80
CA ARG B 187 -27.26 -10.01 20.73
C ARG B 187 -26.81 -10.83 19.53
N GLY B 188 -25.67 -11.50 19.65
CA GLY B 188 -25.31 -12.60 18.75
C GLY B 188 -24.48 -12.17 17.53
N LEU B 189 -24.00 -10.92 17.44
CA LEU B 189 -23.19 -10.45 16.29
C LEU B 189 -21.81 -11.13 16.38
N VAL B 190 -21.32 -11.35 17.59
CA VAL B 190 -19.97 -11.92 17.81
C VAL B 190 -20.05 -13.13 18.72
N ARG B 191 -19.35 -14.17 18.29
CA ARG B 191 -19.23 -15.44 18.96
C ARG B 191 -18.60 -15.28 20.35
N SER B 192 -17.44 -14.62 20.40
CA SER B 192 -16.62 -14.55 21.63
C SER B 192 -15.91 -13.19 21.78
N LEU B 193 -15.49 -12.87 23.00
CA LEU B 193 -14.89 -11.57 23.38
C LEU B 193 -13.50 -11.87 23.89
N HIS B 194 -12.51 -11.05 23.53
CA HIS B 194 -11.10 -11.39 23.77
C HIS B 194 -10.34 -10.13 24.21
N ALA B 195 -9.43 -10.30 25.16
CA ALA B 195 -8.50 -9.22 25.50
C ALA B 195 -7.78 -8.87 24.20
N PRO B 196 -7.46 -7.58 23.95
CA PRO B 196 -6.84 -7.13 22.72
C PRO B 196 -5.63 -8.00 22.30
N GLU B 197 -4.74 -8.29 23.25
CA GLU B 197 -3.55 -9.14 23.00
C GLU B 197 -3.99 -10.58 22.67
N ASP B 198 -5.18 -11.01 23.08
CA ASP B 198 -5.62 -12.43 22.89
C ASP B 198 -6.44 -12.58 21.59
N LEU B 199 -6.79 -11.47 20.92
CA LEU B 199 -7.77 -11.51 19.81
C LEU B 199 -7.21 -12.37 18.67
N LEU B 200 -6.02 -12.06 18.17
CA LEU B 200 -5.49 -12.81 17.00
C LEU B 200 -5.12 -14.24 17.36
N PRO B 201 -4.49 -14.47 18.54
CA PRO B 201 -4.26 -15.85 18.97
C PRO B 201 -5.56 -16.69 19.06
N ALA B 202 -6.67 -16.11 19.51
CA ALA B 202 -7.97 -16.83 19.56
C ALA B 202 -8.44 -17.20 18.13
N ALA B 203 -8.44 -16.25 17.20
CA ALA B 203 -8.78 -16.50 15.79
C ALA B 203 -7.83 -17.53 15.19
N GLN B 204 -6.53 -17.43 15.52
CA GLN B 204 -5.49 -18.35 14.97
C GLN B 204 -5.81 -19.77 15.47
N ALA B 205 -6.19 -19.92 16.74
CA ALA B 205 -6.44 -21.25 17.35
C ALA B 205 -7.60 -21.91 16.63
N ILE B 206 -8.71 -21.19 16.42
CA ILE B 206 -9.84 -21.72 15.59
C ILE B 206 -9.31 -22.08 14.19
N ALA B 207 -8.68 -21.14 13.49
CA ALA B 207 -8.23 -21.33 12.10
C ALA B 207 -7.36 -22.59 12.03
N ARG B 208 -6.44 -22.74 12.99
CA ARG B 208 -5.39 -23.79 12.98
C ARG B 208 -6.04 -25.16 13.21
N GLU B 209 -7.10 -25.20 14.02
CA GLU B 209 -7.83 -26.44 14.33
C GLU B 209 -8.49 -26.95 13.05
N ILE B 210 -9.10 -26.05 12.30
CA ILE B 210 -9.78 -26.42 11.02
C ILE B 210 -8.71 -26.98 10.09
N ALA B 211 -7.59 -26.27 9.99
CA ALA B 211 -6.46 -26.54 9.09
C ALA B 211 -5.86 -27.90 9.44
N ALA B 212 -5.77 -28.20 10.74
CA ALA B 212 -5.18 -29.46 11.25
C ALA B 212 -6.15 -30.65 11.03
N ASN B 213 -7.46 -30.45 11.14
CA ASN B 213 -8.38 -31.60 11.40
C ASN B 213 -9.34 -31.87 10.24
N ALA B 214 -9.60 -30.92 9.35
CA ALA B 214 -10.74 -31.08 8.39
C ALA B 214 -10.22 -31.21 6.97
N ALA B 215 -10.87 -32.03 6.14
CA ALA B 215 -10.60 -32.12 4.69
C ALA B 215 -11.09 -30.84 4.02
N PRO B 216 -10.19 -30.08 3.33
CA PRO B 216 -10.55 -28.81 2.72
C PRO B 216 -11.74 -28.88 1.78
N VAL B 217 -11.84 -29.94 0.99
CA VAL B 217 -12.98 -30.07 0.04
C VAL B 217 -14.31 -30.17 0.83
N SER B 218 -14.36 -30.98 1.90
CA SER B 218 -15.52 -31.13 2.81
C SER B 218 -15.95 -29.78 3.43
N VAL B 219 -14.97 -29.02 3.90
CA VAL B 219 -15.13 -27.66 4.48
C VAL B 219 -15.72 -26.75 3.41
N ALA B 220 -15.15 -26.75 2.22
CA ALA B 220 -15.61 -25.86 1.14
C ALA B 220 -17.06 -26.23 0.76
N ILE B 221 -17.37 -27.52 0.67
CA ILE B 221 -18.74 -27.96 0.35
C ILE B 221 -19.66 -27.50 1.49
N SER B 222 -19.28 -27.81 2.73
CA SER B 222 -20.06 -27.42 3.92
C SER B 222 -20.38 -25.94 3.85
N ARG B 223 -19.35 -25.10 3.65
CA ARG B 223 -19.53 -23.65 3.68
C ARG B 223 -20.60 -23.23 2.66
N GLN B 224 -20.45 -23.71 1.42
CA GLN B 224 -21.38 -23.34 0.31
C GLN B 224 -22.80 -23.84 0.58
N LEU B 225 -22.98 -25.08 1.05
CA LEU B 225 -24.34 -25.61 1.28
C LEU B 225 -24.98 -24.83 2.41
N ILE B 226 -24.23 -24.58 3.49
CA ILE B 226 -24.80 -23.88 4.67
C ILE B 226 -25.26 -22.48 4.25
N TRP B 227 -24.42 -21.68 3.57
CA TRP B 227 -24.83 -20.33 3.14
C TRP B 227 -25.98 -20.35 2.12
N ARG B 228 -25.84 -21.12 1.06
CA ARG B 228 -26.83 -21.12 -0.04
C ARG B 228 -28.16 -21.69 0.45
N MET B 229 -28.14 -22.75 1.26
CA MET B 229 -29.38 -23.40 1.72
C MET B 229 -30.03 -22.54 2.79
N ALA B 230 -29.35 -21.51 3.32
CA ALA B 230 -30.04 -20.52 4.18
C ALA B 230 -31.14 -19.85 3.35
N GLY B 231 -31.03 -19.79 2.02
CA GLY B 231 -32.02 -19.12 1.16
C GLY B 231 -32.97 -20.08 0.48
N ALA B 232 -32.83 -21.40 0.71
CA ALA B 232 -33.69 -22.40 0.07
C ALA B 232 -35.04 -22.47 0.79
N SER B 233 -36.09 -22.64 0.01
CA SER B 233 -37.48 -22.67 0.51
C SER B 233 -37.84 -24.02 1.11
N HIS B 234 -37.10 -25.10 0.88
CA HIS B 234 -37.47 -26.45 1.37
C HIS B 234 -36.22 -27.29 1.52
N PRO B 235 -36.16 -28.16 2.55
CA PRO B 235 -34.99 -29.00 2.76
C PRO B 235 -34.71 -29.99 1.60
N MET B 236 -35.67 -30.28 0.76
CA MET B 236 -35.44 -31.12 -0.44
C MET B 236 -34.25 -30.55 -1.22
N GLU B 237 -34.16 -29.23 -1.33
CA GLU B 237 -33.06 -28.55 -2.05
C GLU B 237 -31.71 -28.95 -1.45
N ALA B 238 -31.60 -29.00 -0.12
CA ALA B 238 -30.36 -29.45 0.56
C ALA B 238 -30.21 -30.96 0.35
N HIS B 239 -31.29 -31.72 0.40
CA HIS B 239 -31.21 -33.19 0.26
C HIS B 239 -30.60 -33.54 -1.12
N LYS B 240 -31.04 -32.86 -2.17
CA LYS B 240 -30.54 -33.11 -3.56
C LYS B 240 -29.03 -32.90 -3.60
N LEU B 241 -28.57 -31.71 -3.22
CA LEU B 241 -27.15 -31.35 -3.27
C LEU B 241 -26.36 -32.25 -2.31
N ASP B 242 -26.84 -32.45 -1.08
CA ASP B 242 -25.98 -33.09 -0.05
C ASP B 242 -25.85 -34.57 -0.43
N SER B 243 -26.86 -35.12 -1.11
CA SER B 243 -26.88 -36.50 -1.66
C SER B 243 -25.79 -36.65 -2.72
N ARG B 244 -25.61 -35.64 -3.58
CA ARG B 244 -24.55 -35.65 -4.62
C ARG B 244 -23.21 -35.53 -3.89
N ALA B 245 -23.10 -34.61 -2.93
CA ALA B 245 -21.85 -34.29 -2.19
C ALA B 245 -21.39 -35.53 -1.43
N ILE B 246 -22.28 -36.18 -0.69
CA ILE B 246 -21.90 -37.36 0.16
C ILE B 246 -21.50 -38.49 -0.79
N GLN B 247 -22.18 -38.62 -1.93
CA GLN B 247 -21.89 -39.67 -2.93
C GLN B 247 -20.49 -39.44 -3.48
N SER B 248 -20.20 -38.21 -3.94
CA SER B 248 -18.86 -37.83 -4.44
C SER B 248 -17.82 -38.06 -3.33
N ARG B 249 -18.11 -37.57 -2.12
CA ARG B 249 -17.14 -37.67 -1.00
C ARG B 249 -16.81 -39.14 -0.70
N GLY B 250 -17.82 -40.04 -0.68
CA GLY B 250 -17.64 -41.48 -0.42
C GLY B 250 -16.59 -42.13 -1.33
N ARG B 251 -16.57 -41.80 -2.62
CA ARG B 251 -15.62 -42.32 -3.64
C ARG B 251 -14.31 -41.51 -3.69
N SER B 252 -13.97 -40.69 -2.68
CA SER B 252 -12.82 -39.76 -2.71
C SER B 252 -11.61 -40.40 -2.01
N ALA B 253 -10.40 -39.92 -2.34
CA ALA B 253 -9.13 -40.27 -1.67
C ALA B 253 -9.18 -39.78 -0.21
N ASP B 254 -9.94 -38.72 0.04
CA ASP B 254 -10.03 -38.11 1.39
C ASP B 254 -10.62 -39.14 2.35
N VAL B 255 -11.67 -39.84 1.92
CA VAL B 255 -12.34 -40.89 2.72
C VAL B 255 -11.39 -42.08 2.96
N LYS B 256 -10.56 -42.43 1.99
CA LYS B 256 -9.58 -43.54 2.17
C LYS B 256 -8.50 -43.10 3.16
N GLU B 257 -8.02 -41.85 3.03
CA GLU B 257 -6.92 -41.30 3.86
C GLU B 257 -7.39 -41.15 5.32
N GLY B 258 -8.64 -40.75 5.54
CA GLY B 258 -9.30 -40.77 6.86
C GLY B 258 -9.26 -42.17 7.48
N VAL B 259 -9.60 -43.21 6.72
CA VAL B 259 -9.57 -44.61 7.23
C VAL B 259 -8.10 -45.03 7.45
N SER B 260 -7.20 -44.80 6.49
CA SER B 260 -5.74 -45.06 6.59
C SER B 260 -5.16 -44.51 7.89
N ALA B 261 -5.48 -43.26 8.24
CA ALA B 261 -4.88 -42.49 9.36
C ALA B 261 -5.41 -43.00 10.70
N PHE B 262 -6.70 -43.36 10.76
CA PHE B 262 -7.36 -43.95 11.96
C PHE B 262 -6.66 -45.25 12.35
N LEU B 263 -6.54 -46.17 11.38
CA LEU B 263 -5.88 -47.50 11.51
C LEU B 263 -4.40 -47.30 11.89
N GLU B 264 -3.64 -46.53 11.11
CA GLU B 264 -2.18 -46.31 11.35
C GLU B 264 -1.91 -45.28 12.47
N LYS B 265 -2.88 -45.03 13.37
CA LYS B 265 -2.73 -44.18 14.59
C LYS B 265 -2.06 -42.83 14.25
N ARG B 266 -2.55 -42.14 13.21
CA ARG B 266 -1.85 -41.02 12.52
C ARG B 266 -2.77 -39.81 12.42
N PRO B 267 -2.24 -38.56 12.32
CA PRO B 267 -3.03 -37.44 11.81
C PRO B 267 -3.41 -37.73 10.36
N ALA B 268 -4.68 -37.46 9.99
CA ALA B 268 -5.18 -37.48 8.60
C ALA B 268 -4.43 -36.42 7.79
N ALA B 269 -4.00 -36.77 6.57
CA ALA B 269 -3.31 -35.86 5.64
C ALA B 269 -4.09 -35.86 4.34
N PHE B 270 -5.24 -35.20 4.36
CA PHE B 270 -6.23 -35.27 3.26
C PHE B 270 -5.55 -34.86 1.95
N PRO B 271 -5.52 -35.76 0.93
CA PRO B 271 -4.84 -35.45 -0.33
C PRO B 271 -5.59 -34.44 -1.20
N GLU B 272 -6.89 -34.30 -1.04
CA GLU B 272 -7.69 -33.64 -2.09
C GLU B 272 -7.77 -32.14 -1.86
N THR B 273 -7.81 -31.39 -2.95
CA THR B 273 -7.64 -29.92 -2.90
C THR B 273 -8.88 -29.24 -3.48
N VAL B 274 -9.09 -28.02 -3.01
CA VAL B 274 -10.18 -27.10 -3.40
C VAL B 274 -9.91 -26.58 -4.81
N SER B 275 -8.65 -26.28 -5.15
CA SER B 275 -8.28 -25.71 -6.48
C SER B 275 -8.66 -26.70 -7.60
N HIS B 276 -8.49 -28.00 -7.36
CA HIS B 276 -8.54 -29.07 -8.39
C HIS B 276 -9.66 -30.09 -8.17
N ASP B 277 -10.04 -30.47 -6.94
CA ASP B 277 -10.93 -31.66 -6.70
C ASP B 277 -12.33 -31.28 -6.19
N MET B 278 -12.82 -30.04 -6.35
CA MET B 278 -14.24 -29.69 -6.04
C MET B 278 -15.14 -30.50 -6.97
N PRO B 279 -16.18 -31.20 -6.45
CA PRO B 279 -17.09 -31.96 -7.31
C PRO B 279 -17.75 -31.06 -8.35
N ASP B 280 -17.88 -31.53 -9.57
CA ASP B 280 -18.31 -30.67 -10.70
C ASP B 280 -19.83 -30.80 -10.94
N PHE B 281 -20.57 -31.45 -10.04
CA PHE B 281 -22.05 -31.54 -10.08
C PHE B 281 -22.70 -30.18 -9.77
N PHE B 282 -21.97 -29.23 -9.18
CA PHE B 282 -22.50 -27.88 -8.85
C PHE B 282 -21.39 -26.86 -9.10
N ASP B 283 -21.78 -25.72 -9.66
CA ASP B 283 -20.87 -24.58 -9.88
C ASP B 283 -20.83 -23.77 -8.58
N TRP B 284 -19.74 -23.92 -7.84
CA TRP B 284 -19.56 -23.34 -6.50
C TRP B 284 -19.32 -21.83 -6.64
N THR B 285 -19.05 -21.33 -7.86
CA THR B 285 -18.75 -19.91 -8.12
C THR B 285 -20.04 -19.25 -8.56
N SER B 286 -21.10 -20.06 -8.69
CA SER B 286 -22.44 -19.65 -9.19
C SER B 286 -22.92 -18.45 -8.36
N GLU B 287 -23.64 -17.56 -9.00
CA GLU B 287 -24.28 -16.44 -8.28
C GLU B 287 -25.42 -15.95 -9.17
N PRO B 288 -26.56 -15.49 -8.62
CA PRO B 288 -27.63 -14.96 -9.45
C PRO B 288 -27.22 -13.66 -10.16
N PRO B 289 -27.89 -13.31 -11.26
CA PRO B 289 -27.53 -12.14 -12.02
C PRO B 289 -27.82 -10.81 -11.33
N PHE B 290 -26.88 -9.87 -11.49
CA PHE B 290 -27.09 -8.49 -11.01
C PHE B 290 -27.73 -7.74 -12.17
N ILE B 291 -29.02 -7.49 -12.10
CA ILE B 291 -29.71 -6.78 -13.20
C ILE B 291 -30.52 -5.64 -12.59
N LEU B 292 -30.44 -4.45 -13.15
CA LEU B 292 -31.21 -3.29 -12.64
C LEU B 292 -32.36 -2.94 -13.60
N GLU B 293 -33.44 -2.45 -13.03
CA GLU B 293 -34.67 -2.13 -13.80
C GLU B 293 -35.10 -0.69 -13.53
#